data_4GXT
#
_entry.id   4GXT
#
_cell.length_a   49.130
_cell.length_b   53.226
_cell.length_c   75.849
_cell.angle_alpha   90.00
_cell.angle_beta   95.03
_cell.angle_gamma   90.00
#
_symmetry.space_group_name_H-M   'P 1 21 1'
#
loop_
_entity.id
_entity.type
_entity.pdbx_description
1 polymer 'a conserved functionally unknown protein'
2 non-polymer 'SULFATE ION'
3 non-polymer GLYCEROL
4 water water
#
_entity_poly.entity_id   1
_entity_poly.type   'polypeptide(L)'
_entity_poly.pdbx_seq_one_letter_code
;SNA(MSE)KTYIKRLNWEESIYLAINKLIAKHGKDNEAYNPDNKPFAVFDWDNTSIIGDVEEALLYY(MSE)VRNVSFK
(MSE)DPEEFYELIRKNVDRKDYPKEFNNLDKQRVNIDLISQDIKRAYEKLYKNLDRFEGGKTLEEVQDTDYYQEFVSK
(MSE)LYRYRASEFDPEAEDPYCW(MSE)SFLLKNYKTEEVYDLCKGAYAS(MSE)KKERIRVEEFVSPDIKSEAGRISI
KYFVGIRTLDE(MSE)VDLYRSLEENGIDCYIVSASFIDIVRAFATDTNNNYK(MSE)KEEKVLGLRL(MSE)KDDEGKI
LPKFDKDFPISIREGKVQTINKLIKNDRNYGPI(MSE)VGGDSDGDFA(MSE)LKEFDHTDLSLIIHRANSGLIDDLRQK
AREGSLRYYSQGRNLLEASFVPSNKSEGYNE
;
_entity_poly.pdbx_strand_id   A
#
# COMPACT_ATOMS: atom_id res chain seq x y z
N LYS A 5 4.26 13.44 32.11
CA LYS A 5 5.35 13.44 31.14
C LYS A 5 4.84 13.20 29.72
N THR A 6 5.43 13.87 28.75
CA THR A 6 5.08 13.62 27.36
C THR A 6 6.17 12.82 26.66
N TYR A 7 5.76 11.86 25.83
CA TYR A 7 6.69 10.94 25.17
C TYR A 7 6.76 11.17 23.66
N ILE A 8 5.73 11.78 23.10
CA ILE A 8 5.71 12.12 21.68
C ILE A 8 5.53 13.62 21.48
N LYS A 9 5.91 14.10 20.30
CA LYS A 9 5.75 15.50 19.96
C LYS A 9 4.29 15.76 19.63
N ARG A 10 3.80 16.94 19.96
CA ARG A 10 2.39 17.25 19.73
C ARG A 10 2.04 17.32 18.25
N LEU A 11 2.83 18.08 17.49
CA LEU A 11 2.60 18.21 16.05
C LEU A 11 1.12 18.45 15.78
N ASN A 12 0.52 17.65 14.89
CA ASN A 12 -0.89 17.84 14.52
C ASN A 12 -1.82 16.69 14.91
N TRP A 13 -1.45 15.96 15.95
CA TRP A 13 -2.33 14.96 16.53
C TRP A 13 -3.59 15.61 17.06
N GLU A 14 -4.73 14.91 16.97
CA GLU A 14 -5.91 15.37 17.68
C GLU A 14 -5.59 15.24 19.18
N GLU A 15 -6.03 16.21 19.95
CA GLU A 15 -5.65 16.33 21.36
C GLU A 15 -5.93 15.07 22.18
N SER A 16 -7.14 14.54 22.06
CA SER A 16 -7.50 13.38 22.87
C SER A 16 -6.66 12.15 22.53
N ILE A 17 -6.25 12.01 21.27
CA ILE A 17 -5.37 10.90 20.87
C ILE A 17 -3.98 11.13 21.43
N TYR A 18 -3.51 12.37 21.30
CA TYR A 18 -2.24 12.77 21.88
C TYR A 18 -2.17 12.37 23.36
N LEU A 19 -3.18 12.74 24.13
CA LEU A 19 -3.21 12.35 25.55
C LEU A 19 -3.24 10.83 25.73
N ALA A 20 -4.03 10.13 24.91
CA ALA A 20 -4.15 8.68 25.03
C ALA A 20 -2.83 7.98 24.72
N ILE A 21 -2.09 8.49 23.75
CA ILE A 21 -0.80 7.89 23.41
C ILE A 21 0.21 8.05 24.55
N ASN A 22 0.22 9.22 25.19
CA ASN A 22 1.10 9.42 26.34
C ASN A 22 0.73 8.54 27.52
N LYS A 23 -0.58 8.35 27.75
CA LYS A 23 -1.01 7.47 28.82
C LYS A 23 -0.58 6.04 28.49
N LEU A 24 -0.61 5.69 27.21
CA LEU A 24 -0.26 4.34 26.78
C LEU A 24 1.20 4.05 27.06
N ILE A 25 2.06 5.01 26.73
CA ILE A 25 3.50 4.83 26.86
C ILE A 25 3.94 4.88 28.33
N ALA A 26 3.25 5.68 29.14
CA ALA A 26 3.51 5.72 30.58
C ALA A 26 3.09 4.43 31.28
N LYS A 27 2.02 3.82 30.78
CA LYS A 27 1.50 2.57 31.35
C LYS A 27 2.30 1.34 30.92
N HIS A 28 2.66 1.28 29.64
CA HIS A 28 3.26 0.07 29.06
C HIS A 28 4.77 0.19 28.82
N GLY A 29 5.28 1.42 28.87
CA GLY A 29 6.64 1.70 28.49
C GLY A 29 7.62 1.42 29.63
N LYS A 30 8.90 1.57 29.33
CA LYS A 30 9.97 1.27 30.28
C LYS A 30 9.95 2.11 31.56
N ASP A 31 9.26 3.25 31.54
CA ASP A 31 9.20 4.12 32.73
C ASP A 31 8.32 3.54 33.83
N ASN A 32 7.43 2.63 33.46
CA ASN A 32 6.48 2.07 34.43
C ASN A 32 7.15 1.00 35.27
N GLU A 33 6.85 1.00 36.56
CA GLU A 33 7.53 0.10 37.48
C GLU A 33 7.19 -1.37 37.21
N ALA A 34 6.12 -1.61 36.46
CA ALA A 34 5.69 -2.97 36.18
C ALA A 34 6.32 -3.51 34.91
N TYR A 35 7.12 -2.68 34.23
CA TYR A 35 7.72 -3.09 32.97
C TYR A 35 8.62 -4.31 33.14
N ASN A 36 8.48 -5.29 32.25
CA ASN A 36 9.33 -6.47 32.29
C ASN A 36 9.83 -6.81 30.89
N PRO A 37 11.15 -6.71 30.68
CA PRO A 37 11.74 -6.93 29.35
C PRO A 37 11.52 -8.36 28.86
N ASP A 38 11.13 -9.24 29.77
CA ASP A 38 10.86 -10.64 29.42
C ASP A 38 9.39 -10.85 29.10
N ASN A 39 8.62 -9.78 29.18
CA ASN A 39 7.24 -9.76 28.72
C ASN A 39 7.05 -8.42 28.02
N LYS A 40 7.67 -8.28 26.87
CA LYS A 40 7.77 -6.99 26.18
C LYS A 40 6.49 -6.67 25.42
N PRO A 41 6.01 -5.42 25.53
CA PRO A 41 4.80 -5.01 24.81
C PRO A 41 5.13 -4.74 23.35
N PHE A 42 4.17 -4.95 22.47
CA PHE A 42 4.30 -4.55 21.07
C PHE A 42 3.03 -3.86 20.57
N ALA A 43 3.17 -3.11 19.48
CA ALA A 43 2.06 -2.44 18.83
C ALA A 43 2.15 -2.80 17.36
N VAL A 44 1.06 -2.64 16.61
CA VAL A 44 1.04 -3.03 15.21
C VAL A 44 0.33 -1.96 14.38
N PHE A 45 0.93 -1.61 13.25
CA PHE A 45 0.34 -0.57 12.39
C PHE A 45 0.30 -1.05 10.95
N ASP A 46 -0.75 -0.67 10.23
CA ASP A 46 -0.78 -0.84 8.79
C ASP A 46 0.19 0.16 8.21
N TRP A 47 0.61 -0.04 6.96
CA TRP A 47 1.55 0.90 6.35
C TRP A 47 0.84 1.93 5.49
N ASP A 48 0.33 1.49 4.35
CA ASP A 48 -0.27 2.40 3.37
C ASP A 48 -1.42 3.23 3.92
N ASN A 49 -1.34 4.54 3.70
CA ASN A 49 -2.37 5.48 4.17
C ASN A 49 -2.61 5.43 5.68
N THR A 50 -1.71 4.76 6.40
CA THR A 50 -1.74 4.79 7.85
C THR A 50 -0.45 5.37 8.39
N SER A 51 0.67 4.77 8.01
CA SER A 51 1.98 5.22 8.46
C SER A 51 2.45 6.36 7.56
N ILE A 52 1.88 6.42 6.36
CA ILE A 52 2.30 7.39 5.35
C ILE A 52 1.07 8.01 4.69
N ILE A 53 1.31 9.02 3.86
CA ILE A 53 0.28 9.53 2.96
C ILE A 53 0.49 8.80 1.65
N GLY A 54 -0.55 8.17 1.12
CA GLY A 54 -0.38 7.37 -0.08
C GLY A 54 -0.12 5.90 0.16
N ASP A 55 0.30 5.22 -0.90
CA ASP A 55 0.35 3.77 -0.88
C ASP A 55 1.57 3.32 -1.68
N VAL A 56 2.41 2.51 -1.05
CA VAL A 56 3.67 2.11 -1.69
C VAL A 56 3.46 1.35 -3.01
N GLU A 57 2.41 0.56 -3.09
CA GLU A 57 2.15 -0.21 -4.31
C GLU A 57 1.51 0.67 -5.39
N GLU A 58 0.66 1.58 -4.95
CA GLU A 58 0.04 2.57 -5.84
C GLU A 58 1.13 3.41 -6.49
N ALA A 59 2.05 3.90 -5.66
CA ALA A 59 3.14 4.75 -6.13
C ALA A 59 4.10 3.98 -7.03
N LEU A 60 4.43 2.76 -6.63
CA LEU A 60 5.37 1.95 -7.41
C LEU A 60 4.80 1.55 -8.76
N LEU A 61 3.50 1.25 -8.78
CA LEU A 61 2.86 0.88 -10.03
C LEU A 61 3.03 2.04 -11.00
N TYR A 62 2.72 3.24 -10.54
CA TYR A 62 2.81 4.41 -11.43
C TYR A 62 4.22 4.54 -11.97
N TYR A 63 5.20 4.44 -11.08
CA TYR A 63 6.59 4.53 -11.48
C TYR A 63 6.98 3.45 -12.51
N VAL A 65 5.14 1.68 -14.47
CA VAL A 65 4.45 1.85 -15.74
C VAL A 65 5.09 2.97 -16.57
N ARG A 66 5.32 4.12 -15.95
CA ARG A 66 5.90 5.25 -16.68
C ARG A 66 7.31 4.94 -17.20
N ASN A 67 8.06 4.15 -16.45
CA ASN A 67 9.44 3.84 -16.80
C ASN A 67 9.62 2.47 -17.46
N VAL A 68 8.50 1.78 -17.67
CA VAL A 68 8.49 0.45 -18.29
C VAL A 68 9.47 -0.50 -17.62
N SER A 69 9.38 -0.57 -16.28
CA SER A 69 10.40 -1.24 -15.45
C SER A 69 10.11 -2.73 -15.27
N PHE A 70 9.98 -3.44 -16.39
CA PHE A 70 9.53 -4.82 -16.32
C PHE A 70 10.56 -5.77 -16.89
N LYS A 71 10.66 -6.92 -16.26
CA LYS A 71 11.62 -7.94 -16.69
C LYS A 71 10.93 -9.10 -17.41
N ASP A 73 9.13 -10.52 -21.41
CA ASP A 73 8.91 -10.36 -22.85
C ASP A 73 7.41 -10.17 -23.08
N PRO A 74 7.04 -9.67 -24.27
CA PRO A 74 5.63 -9.33 -24.48
C PRO A 74 4.64 -10.45 -24.18
N GLU A 75 4.90 -11.67 -24.64
CA GLU A 75 3.96 -12.76 -24.44
C GLU A 75 3.82 -13.07 -22.94
N GLU A 76 4.95 -13.11 -22.25
CA GLU A 76 4.99 -13.31 -20.82
C GLU A 76 4.22 -12.20 -20.09
N PHE A 77 4.38 -10.98 -20.58
CA PHE A 77 3.77 -9.82 -19.95
C PHE A 77 2.24 -9.86 -20.09
N TYR A 78 1.79 -10.26 -21.27
CA TYR A 78 0.37 -10.41 -21.57
C TYR A 78 -0.26 -11.45 -20.62
N GLU A 79 0.42 -12.57 -20.44
CA GLU A 79 -0.10 -13.61 -19.54
C GLU A 79 -0.13 -13.15 -18.09
N LEU A 80 0.87 -12.38 -17.70
CA LEU A 80 0.96 -11.89 -16.34
C LEU A 80 -0.19 -10.94 -16.01
N ILE A 81 -0.48 -10.00 -16.90
CA ILE A 81 -1.47 -9.00 -16.53
C ILE A 81 -2.90 -9.54 -16.57
N ARG A 82 -3.05 -10.75 -17.11
CA ARG A 82 -4.37 -11.41 -17.14
C ARG A 82 -4.52 -12.35 -15.95
N LYS A 83 -3.44 -12.61 -15.24
CA LYS A 83 -3.45 -13.66 -14.22
C LYS A 83 -4.44 -13.36 -13.10
N ASN A 84 -5.36 -14.30 -12.88
CA ASN A 84 -6.36 -14.23 -11.81
C ASN A 84 -7.42 -13.15 -12.00
N VAL A 85 -7.49 -12.55 -13.20
CA VAL A 85 -8.50 -11.51 -13.44
C VAL A 85 -9.83 -12.13 -13.90
N ASP A 86 -10.91 -11.67 -13.28
CA ASP A 86 -12.25 -12.07 -13.68
C ASP A 86 -12.52 -11.58 -15.10
N ARG A 87 -13.03 -12.47 -15.94
CA ARG A 87 -13.26 -12.15 -17.36
C ARG A 87 -14.56 -11.39 -17.62
N LYS A 88 -15.36 -11.21 -16.58
CA LYS A 88 -16.61 -10.48 -16.75
C LYS A 88 -16.35 -9.00 -17.10
N ASP A 89 -17.25 -8.38 -17.83
CA ASP A 89 -17.09 -6.97 -18.15
C ASP A 89 -16.82 -6.11 -16.91
N TYR A 90 -15.95 -5.12 -17.06
CA TYR A 90 -15.71 -4.15 -16.01
C TYR A 90 -16.99 -3.38 -15.68
N PRO A 91 -17.12 -2.89 -14.42
CA PRO A 91 -18.32 -2.11 -14.07
C PRO A 91 -18.53 -0.92 -15.03
N LYS A 92 -19.79 -0.51 -15.21
CA LYS A 92 -20.10 0.52 -16.19
C LYS A 92 -19.33 1.83 -16.04
N GLU A 93 -18.89 2.15 -14.83
CA GLU A 93 -18.17 3.40 -14.62
C GLU A 93 -16.84 3.40 -15.38
N PHE A 94 -16.41 2.23 -15.84
CA PHE A 94 -15.17 2.10 -16.62
C PHE A 94 -15.42 1.88 -18.11
N ASN A 95 -16.61 2.24 -18.59
CA ASN A 95 -16.90 2.11 -20.01
C ASN A 95 -15.97 3.01 -20.83
N ASN A 96 -15.72 2.63 -22.08
CA ASN A 96 -14.84 3.44 -22.92
C ASN A 96 -15.51 4.74 -23.33
N LEU A 97 -14.77 5.60 -24.04
CA LEU A 97 -15.29 6.93 -24.33
C LEU A 97 -16.49 6.85 -25.27
N ASP A 98 -16.71 5.69 -25.87
CA ASP A 98 -17.85 5.50 -26.78
C ASP A 98 -19.02 4.82 -26.10
N LYS A 99 -18.92 4.62 -24.80
CA LYS A 99 -19.99 4.06 -23.99
C LYS A 99 -20.20 2.56 -24.19
N GLN A 100 -19.13 1.86 -24.56
CA GLN A 100 -19.16 0.41 -24.75
C GLN A 100 -18.54 -0.24 -23.52
N ARG A 101 -18.96 -1.47 -23.21
CA ARG A 101 -18.34 -2.21 -22.10
C ARG A 101 -16.90 -2.62 -22.44
N VAL A 102 -16.09 -2.76 -21.40
CA VAL A 102 -14.70 -3.16 -21.55
C VAL A 102 -14.46 -4.34 -20.60
N ASN A 103 -13.46 -5.16 -20.93
CA ASN A 103 -13.08 -6.30 -20.10
C ASN A 103 -11.60 -6.59 -20.24
N ILE A 104 -11.11 -7.57 -19.49
CA ILE A 104 -9.69 -7.87 -19.52
C ILE A 104 -9.20 -8.42 -20.87
N ASP A 105 -10.05 -9.15 -21.59
CA ASP A 105 -9.66 -9.70 -22.88
C ASP A 105 -9.29 -8.57 -23.85
N LEU A 106 -10.16 -7.57 -23.93
CA LEU A 106 -9.94 -6.44 -24.83
C LEU A 106 -8.74 -5.58 -24.39
N ILE A 107 -8.70 -5.25 -23.11
CA ILE A 107 -7.65 -4.33 -22.64
C ILE A 107 -6.26 -5.00 -22.67
N SER A 108 -6.21 -6.30 -22.41
CA SER A 108 -4.92 -6.99 -22.38
C SER A 108 -4.31 -7.09 -23.78
N GLN A 109 -5.15 -7.25 -24.80
CA GLN A 109 -4.67 -7.26 -26.16
C GLN A 109 -4.07 -5.89 -26.53
N ASP A 110 -4.78 -4.82 -26.18
CA ASP A 110 -4.31 -3.46 -26.44
C ASP A 110 -3.00 -3.14 -25.74
N ILE A 111 -2.89 -3.58 -24.49
CA ILE A 111 -1.65 -3.37 -23.72
C ILE A 111 -0.49 -4.16 -24.34
N LYS A 112 -0.78 -5.39 -24.75
CA LYS A 112 0.24 -6.22 -25.37
C LYS A 112 0.77 -5.57 -26.64
N ARG A 113 -0.12 -5.06 -27.48
CA ARG A 113 0.34 -4.47 -28.74
C ARG A 113 1.23 -3.27 -28.46
N ALA A 114 0.88 -2.50 -27.44
CA ALA A 114 1.68 -1.34 -27.05
C ALA A 114 3.03 -1.76 -26.48
N TYR A 115 3.01 -2.73 -25.56
CA TYR A 115 4.23 -3.24 -24.95
C TYR A 115 5.20 -3.81 -25.99
N GLU A 116 4.65 -4.47 -27.01
CA GLU A 116 5.48 -5.02 -28.08
C GLU A 116 6.30 -3.93 -28.76
N LYS A 117 5.70 -2.76 -28.93
CA LYS A 117 6.41 -1.65 -29.55
C LYS A 117 7.45 -1.06 -28.60
N LEU A 118 7.15 -1.08 -27.31
CA LEU A 118 8.11 -0.65 -26.32
C LEU A 118 9.29 -1.61 -26.28
N TYR A 119 8.99 -2.90 -26.38
CA TYR A 119 10.00 -3.95 -26.29
C TYR A 119 10.91 -3.89 -27.51
N LYS A 120 10.36 -3.41 -28.61
CA LYS A 120 11.08 -3.38 -29.88
C LYS A 120 11.97 -2.15 -29.97
N ASN A 121 11.60 -1.09 -29.26
CA ASN A 121 12.21 0.22 -29.46
C ASN A 121 13.13 0.67 -28.32
N LEU A 122 12.86 0.20 -27.11
CA LEU A 122 13.59 0.70 -25.94
C LEU A 122 14.98 0.12 -25.83
N ASP A 123 15.92 0.97 -25.41
CA ASP A 123 17.28 0.53 -25.16
C ASP A 123 17.29 -0.62 -24.15
N ARG A 124 16.46 -0.52 -23.11
CA ARG A 124 16.48 -1.51 -22.04
C ARG A 124 15.98 -2.87 -22.52
N PHE A 125 15.30 -2.88 -23.66
CA PHE A 125 14.86 -4.14 -24.25
C PHE A 125 15.63 -4.45 -25.53
N GLU A 126 14.95 -4.46 -26.66
CA GLU A 126 15.58 -4.90 -27.91
C GLU A 126 15.98 -3.77 -28.85
N GLY A 127 15.65 -2.55 -28.47
CA GLY A 127 15.88 -1.39 -29.34
C GLY A 127 17.05 -0.54 -28.89
N GLY A 128 17.11 0.68 -29.39
CA GLY A 128 18.19 1.60 -29.05
C GLY A 128 17.75 2.95 -28.54
N LYS A 129 16.45 3.11 -28.27
CA LYS A 129 15.93 4.39 -27.84
C LYS A 129 15.82 4.53 -26.32
N THR A 130 16.06 5.75 -25.84
CA THR A 130 15.90 6.07 -24.43
C THR A 130 14.41 6.20 -24.11
N LEU A 131 14.08 6.19 -22.83
CA LEU A 131 12.69 6.35 -22.42
C LEU A 131 12.10 7.65 -22.95
N GLU A 132 12.86 8.74 -22.83
CA GLU A 132 12.36 10.04 -23.27
C GLU A 132 12.06 10.03 -24.77
N GLU A 133 12.84 9.28 -25.53
CA GLU A 133 12.68 9.23 -26.98
C GLU A 133 11.42 8.50 -27.45
N VAL A 134 10.69 7.87 -26.53
CA VAL A 134 9.43 7.23 -26.90
C VAL A 134 8.23 7.86 -26.20
N GLN A 135 8.48 8.80 -25.30
CA GLN A 135 7.42 9.31 -24.42
C GLN A 135 6.36 10.14 -25.15
N ASP A 136 6.69 10.60 -26.36
CA ASP A 136 5.76 11.37 -27.16
C ASP A 136 4.92 10.47 -28.06
N THR A 137 5.24 9.18 -28.08
CA THR A 137 4.59 8.24 -29.00
C THR A 137 3.19 7.82 -28.57
N ASP A 138 2.39 7.43 -29.55
CA ASP A 138 1.06 6.90 -29.28
C ASP A 138 1.12 5.59 -28.49
N TYR A 139 2.03 4.68 -28.85
CA TYR A 139 2.12 3.42 -28.12
C TYR A 139 2.50 3.60 -26.65
N TYR A 140 3.39 4.56 -26.38
CA TYR A 140 3.73 4.83 -24.98
C TYR A 140 2.51 5.38 -24.25
N GLN A 141 1.83 6.33 -24.85
CA GLN A 141 0.65 6.93 -24.21
C GLN A 141 -0.39 5.84 -23.97
N GLU A 142 -0.49 4.90 -24.91
CA GLU A 142 -1.49 3.82 -24.83
C GLU A 142 -1.16 2.85 -23.69
N PHE A 143 0.11 2.46 -23.61
CA PHE A 143 0.56 1.56 -22.55
C PHE A 143 0.32 2.14 -21.16
N VAL A 144 0.81 3.35 -20.93
CA VAL A 144 0.60 4.00 -19.63
C VAL A 144 -0.89 4.11 -19.27
N SER A 145 -1.71 4.68 -20.15
CA SER A 145 -3.11 4.89 -19.79
C SER A 145 -3.85 3.56 -19.55
N LYS A 146 -3.65 2.61 -20.45
CA LYS A 146 -4.37 1.34 -20.35
C LYS A 146 -3.87 0.46 -19.21
N LEU A 148 -2.65 1.69 -16.18
CA LEU A 148 -3.27 2.23 -14.99
C LEU A 148 -4.76 1.92 -14.98
N TYR A 149 -5.36 1.96 -16.15
CA TYR A 149 -6.78 1.63 -16.28
C TYR A 149 -7.03 0.19 -15.84
N ARG A 150 -6.22 -0.74 -16.37
CA ARG A 150 -6.42 -2.15 -16.09
C ARG A 150 -6.24 -2.46 -14.60
N TYR A 151 -5.32 -1.74 -13.96
CA TYR A 151 -5.11 -1.98 -12.53
C TYR A 151 -6.14 -1.33 -11.62
N ARG A 152 -6.91 -0.38 -12.16
CA ARG A 152 -7.98 0.24 -11.40
C ARG A 152 -9.30 -0.47 -11.66
N ALA A 153 -9.46 -0.99 -12.87
CA ALA A 153 -10.76 -1.49 -13.31
C ALA A 153 -11.00 -2.96 -12.99
N SER A 154 -9.92 -3.75 -12.97
CA SER A 154 -10.05 -5.19 -12.88
C SER A 154 -10.43 -5.67 -11.48
N GLU A 155 -11.11 -6.81 -11.42
CA GLU A 155 -11.39 -7.47 -10.17
C GLU A 155 -10.90 -8.91 -10.24
N PHE A 156 -10.47 -9.43 -9.10
CA PHE A 156 -9.91 -10.79 -9.13
C PHE A 156 -11.04 -11.80 -9.33
N ASP A 157 -10.71 -12.89 -10.02
CA ASP A 157 -11.66 -13.96 -10.23
C ASP A 157 -11.76 -14.77 -8.95
N PRO A 158 -12.98 -14.88 -8.40
CA PRO A 158 -13.23 -15.57 -7.13
C PRO A 158 -12.89 -17.05 -7.17
N GLU A 159 -12.65 -17.60 -8.37
CA GLU A 159 -12.26 -19.01 -8.49
C GLU A 159 -10.76 -19.21 -8.67
N ALA A 160 -10.02 -18.11 -8.74
CA ALA A 160 -8.56 -18.18 -8.84
C ALA A 160 -7.98 -18.79 -7.56
N GLU A 161 -6.85 -19.45 -7.67
CA GLU A 161 -6.21 -20.06 -6.51
C GLU A 161 -5.84 -18.97 -5.51
N ASP A 162 -5.25 -17.89 -6.02
CA ASP A 162 -4.99 -16.70 -5.21
C ASP A 162 -6.00 -15.61 -5.56
N PRO A 163 -6.74 -15.14 -4.55
CA PRO A 163 -7.75 -14.10 -4.76
C PRO A 163 -7.07 -12.74 -4.93
N TYR A 164 -6.46 -12.49 -6.08
CA TYR A 164 -5.59 -11.34 -6.20
C TYR A 164 -5.08 -11.14 -7.62
N CYS A 165 -5.29 -9.94 -8.17
CA CYS A 165 -4.73 -9.63 -9.48
C CYS A 165 -4.07 -8.25 -9.51
N TRP A 166 -3.56 -7.84 -8.35
CA TRP A 166 -3.03 -6.48 -8.17
C TRP A 166 -1.53 -6.42 -8.54
N SER A 168 1.74 -6.36 -7.43
CA SER A 168 3.00 -6.98 -7.07
C SER A 168 3.45 -8.10 -8.04
N PHE A 169 2.50 -8.62 -8.82
CA PHE A 169 2.80 -9.66 -9.81
C PHE A 169 3.71 -9.09 -10.88
N LEU A 170 3.70 -7.77 -11.02
CA LEU A 170 4.51 -7.11 -12.05
C LEU A 170 5.99 -7.24 -11.73
N LEU A 171 6.30 -7.70 -10.52
CA LEU A 171 7.70 -7.89 -10.13
C LEU A 171 8.22 -9.26 -10.55
N LYS A 172 7.43 -9.99 -11.34
CA LYS A 172 7.85 -11.32 -11.79
C LYS A 172 9.25 -11.26 -12.40
N ASN A 173 10.09 -12.21 -12.02
CA ASN A 173 11.47 -12.34 -12.51
C ASN A 173 12.50 -11.47 -11.78
N TYR A 174 12.05 -10.57 -10.92
CA TYR A 174 12.94 -9.78 -10.08
C TYR A 174 13.40 -10.64 -8.92
N LYS A 175 14.67 -10.52 -8.54
CA LYS A 175 15.13 -11.01 -7.24
C LYS A 175 14.96 -9.90 -6.21
N THR A 176 14.80 -10.27 -4.94
CA THR A 176 14.54 -9.30 -3.89
C THR A 176 15.48 -8.09 -3.92
N GLU A 177 16.76 -8.33 -4.15
CA GLU A 177 17.73 -7.23 -4.14
C GLU A 177 17.47 -6.29 -5.31
N GLU A 178 16.94 -6.83 -6.39
CA GLU A 178 16.59 -6.02 -7.54
C GLU A 178 15.36 -5.17 -7.25
N VAL A 179 14.49 -5.69 -6.37
CA VAL A 179 13.31 -4.92 -5.95
C VAL A 179 13.74 -3.73 -5.11
N TYR A 180 14.66 -3.96 -4.17
CA TYR A 180 15.15 -2.86 -3.35
C TYR A 180 15.80 -1.79 -4.23
N ASP A 181 16.58 -2.24 -5.20
CA ASP A 181 17.27 -1.33 -6.12
C ASP A 181 16.27 -0.49 -6.87
N LEU A 182 15.24 -1.15 -7.42
CA LEU A 182 14.17 -0.45 -8.12
C LEU A 182 13.51 0.58 -7.21
N CYS A 183 13.09 0.13 -6.04
CA CYS A 183 12.38 0.99 -5.10
C CYS A 183 13.20 2.17 -4.61
N LYS A 184 14.50 1.97 -4.42
CA LYS A 184 15.37 3.05 -3.99
C LYS A 184 15.21 4.25 -4.92
N GLY A 185 15.22 3.99 -6.23
CA GLY A 185 15.06 5.04 -7.21
C GLY A 185 13.60 5.44 -7.41
N ALA A 186 12.69 4.48 -7.29
CA ALA A 186 11.28 4.77 -7.53
C ALA A 186 10.73 5.75 -6.49
N TYR A 187 11.04 5.50 -5.22
CA TYR A 187 10.51 6.33 -4.14
C TYR A 187 11.17 7.69 -4.00
N ALA A 188 12.45 7.79 -4.34
CA ALA A 188 13.11 9.09 -4.33
C ALA A 188 12.41 10.01 -5.34
N SER A 189 12.00 9.43 -6.47
CA SER A 189 11.32 10.20 -7.53
C SER A 189 9.87 10.50 -7.19
N LYS A 191 8.44 10.69 -4.23
CA LYS A 191 8.30 11.64 -3.12
C LYS A 191 8.42 13.06 -3.62
N LYS A 192 8.99 13.24 -4.81
CA LYS A 192 9.11 14.54 -5.44
C LYS A 192 7.87 14.97 -6.24
N GLU A 193 6.96 14.02 -6.48
CA GLU A 193 5.76 14.30 -7.27
C GLU A 193 4.78 15.19 -6.52
N ARG A 194 4.27 16.21 -7.19
CA ARG A 194 3.19 17.03 -6.61
C ARG A 194 1.99 16.14 -6.32
N ILE A 195 1.49 16.18 -5.09
CA ILE A 195 0.36 15.32 -4.72
C ILE A 195 -0.88 15.72 -5.52
N ARG A 196 -1.44 14.78 -6.28
CA ARG A 196 -2.53 15.15 -7.20
C ARG A 196 -3.28 13.93 -7.72
N VAL A 197 -4.51 14.15 -8.18
CA VAL A 197 -5.21 13.12 -8.93
C VAL A 197 -5.02 13.46 -10.41
N GLU A 198 -4.38 12.58 -11.16
CA GLU A 198 -4.11 12.87 -12.56
C GLU A 198 -4.99 12.03 -13.45
N GLU A 199 -5.37 12.56 -14.59
CA GLU A 199 -6.19 11.84 -15.54
C GLU A 199 -5.33 11.39 -16.70
N PHE A 200 -5.53 10.16 -17.15
CA PHE A 200 -4.81 9.66 -18.30
C PHE A 200 -5.80 9.21 -19.36
N VAL A 201 -5.61 9.66 -20.58
CA VAL A 201 -6.51 9.30 -21.66
C VAL A 201 -5.72 8.58 -22.74
N SER A 202 -6.24 7.45 -23.22
CA SER A 202 -5.54 6.70 -24.24
C SER A 202 -5.73 7.37 -25.60
N PRO A 203 -4.74 7.19 -26.50
CA PRO A 203 -4.73 7.97 -27.73
C PRO A 203 -5.75 7.55 -28.77
N ASP A 204 -5.96 8.41 -29.76
CA ASP A 204 -6.93 8.11 -30.81
C ASP A 204 -6.30 7.20 -31.85
N ILE A 205 -6.28 5.91 -31.55
CA ILE A 205 -5.75 4.89 -32.46
C ILE A 205 -6.72 3.72 -32.49
N LYS A 206 -6.50 2.79 -33.41
CA LYS A 206 -7.36 1.62 -33.50
C LYS A 206 -6.99 0.61 -32.42
N SER A 207 -7.99 0.12 -31.68
CA SER A 207 -7.71 -0.88 -30.66
C SER A 207 -8.93 -1.75 -30.42
N GLU A 208 -8.77 -2.78 -29.60
CA GLU A 208 -9.86 -3.69 -29.28
C GLU A 208 -10.81 -3.03 -28.29
N ALA A 209 -10.26 -2.44 -27.23
CA ALA A 209 -11.07 -1.83 -26.18
C ALA A 209 -11.58 -0.42 -26.51
N GLY A 210 -11.02 0.21 -27.54
CA GLY A 210 -11.35 1.60 -27.84
C GLY A 210 -10.61 2.53 -26.88
N ARG A 211 -11.00 3.80 -26.84
CA ARG A 211 -10.30 4.77 -26.00
C ARG A 211 -10.87 4.76 -24.60
N ILE A 212 -9.98 4.83 -23.62
CA ILE A 212 -10.39 4.92 -22.22
C ILE A 212 -9.78 6.15 -21.57
N SER A 213 -10.29 6.50 -20.39
CA SER A 213 -9.63 7.51 -19.57
C SER A 213 -9.67 6.97 -18.15
N ILE A 214 -8.67 7.34 -17.36
CA ILE A 214 -8.60 6.87 -15.98
C ILE A 214 -7.96 7.94 -15.12
N LYS A 215 -8.46 8.09 -13.90
CA LYS A 215 -7.89 8.99 -12.92
C LYS A 215 -7.08 8.17 -11.95
N TYR A 216 -5.94 8.70 -11.55
CA TYR A 216 -5.01 7.94 -10.72
C TYR A 216 -4.37 8.85 -9.69
N PHE A 217 -4.29 8.38 -8.44
CA PHE A 217 -3.71 9.21 -7.39
C PHE A 217 -2.19 9.10 -7.43
N VAL A 218 -1.53 10.25 -7.64
CA VAL A 218 -0.09 10.30 -7.74
C VAL A 218 0.46 11.05 -6.56
N GLY A 219 1.20 10.37 -5.70
CA GLY A 219 1.79 11.02 -4.54
C GLY A 219 2.02 10.07 -3.38
N ILE A 220 3.11 10.29 -2.66
CA ILE A 220 3.46 9.47 -1.50
C ILE A 220 4.40 10.29 -0.64
N ARG A 221 4.14 10.31 0.66
CA ARG A 221 4.89 11.17 1.57
C ARG A 221 4.94 10.52 2.95
N THR A 222 6.01 10.74 3.70
CA THR A 222 6.08 10.23 5.06
C THR A 222 5.26 11.15 5.96
N LEU A 223 4.93 10.68 7.16
CA LEU A 223 4.18 11.49 8.11
C LEU A 223 5.00 11.73 9.37
N ASP A 224 5.32 12.99 9.65
CA ASP A 224 6.13 13.34 10.81
C ASP A 224 5.61 12.70 12.10
N GLU A 225 4.29 12.66 12.26
CA GLU A 225 3.69 12.13 13.49
C GLU A 225 3.94 10.64 13.65
N VAL A 227 6.51 8.81 12.05
CA VAL A 227 7.95 8.66 12.32
C VAL A 227 8.26 8.84 13.79
N ASP A 228 7.76 9.93 14.37
CA ASP A 228 8.01 10.25 15.78
C ASP A 228 7.41 9.18 16.70
N LEU A 229 6.19 8.76 16.40
CA LEU A 229 5.52 7.77 17.22
C LEU A 229 6.26 6.43 17.23
N TYR A 230 6.67 5.96 16.06
CA TYR A 230 7.30 4.65 15.96
C TYR A 230 8.65 4.67 16.67
N ARG A 231 9.36 5.78 16.52
CA ARG A 231 10.64 5.97 17.20
CA ARG A 231 10.64 5.96 17.19
C ARG A 231 10.43 6.02 18.71
N SER A 232 9.44 6.78 19.13
CA SER A 232 9.14 6.93 20.56
C SER A 232 8.69 5.64 21.22
N LEU A 233 7.87 4.86 20.52
CA LEU A 233 7.51 3.54 21.03
C LEU A 233 8.75 2.69 21.31
N GLU A 234 9.61 2.53 20.31
CA GLU A 234 10.77 1.69 20.46
C GLU A 234 11.70 2.17 21.59
N GLU A 235 11.87 3.48 21.68
CA GLU A 235 12.73 4.08 22.71
C GLU A 235 12.21 3.82 24.11
N ASN A 236 10.91 3.56 24.23
CA ASN A 236 10.30 3.30 25.52
C ASN A 236 10.04 1.82 25.77
N GLY A 237 10.64 0.98 24.93
CA GLY A 237 10.62 -0.46 25.15
C GLY A 237 9.38 -1.16 24.64
N ILE A 238 8.70 -0.54 23.68
CA ILE A 238 7.52 -1.13 23.03
C ILE A 238 7.85 -1.38 21.55
N ASP A 239 7.82 -2.64 21.13
CA ASP A 239 8.17 -2.97 19.76
C ASP A 239 7.07 -2.44 18.86
N CYS A 240 7.45 -1.99 17.67
CA CYS A 240 6.50 -1.37 16.75
C CYS A 240 6.61 -2.14 15.45
N TYR A 241 5.59 -2.96 15.17
CA TYR A 241 5.55 -3.80 13.98
C TYR A 241 4.63 -3.21 12.92
N ILE A 242 4.94 -3.53 11.67
CA ILE A 242 4.06 -3.18 10.56
C ILE A 242 3.48 -4.48 10.00
N VAL A 243 2.16 -4.49 9.79
CA VAL A 243 1.51 -5.65 9.18
C VAL A 243 0.72 -5.12 8.02
N SER A 244 1.20 -5.37 6.80
CA SER A 244 0.67 -4.72 5.60
C SER A 244 0.13 -5.75 4.59
N ALA A 245 -0.85 -5.37 3.79
CA ALA A 245 -1.32 -6.26 2.73
C ALA A 245 -0.44 -6.10 1.49
N SER A 246 0.48 -5.14 1.51
CA SER A 246 1.38 -4.96 0.37
C SER A 246 2.46 -6.03 0.34
N PHE A 247 3.01 -6.30 -0.85
CA PHE A 247 4.09 -7.28 -0.99
C PHE A 247 5.24 -6.90 -0.06
N ILE A 248 5.69 -7.87 0.74
CA ILE A 248 6.65 -7.58 1.80
C ILE A 248 7.93 -6.89 1.31
N ASP A 249 8.44 -7.29 0.16
CA ASP A 249 9.65 -6.68 -0.39
C ASP A 249 9.45 -5.18 -0.63
N ILE A 250 8.25 -4.81 -1.08
CA ILE A 250 7.98 -3.41 -1.40
C ILE A 250 7.89 -2.55 -0.15
N VAL A 251 7.09 -2.99 0.83
CA VAL A 251 6.94 -2.23 2.06
CA VAL A 251 6.93 -2.22 2.05
C VAL A 251 8.26 -2.17 2.84
N ARG A 252 9.01 -3.26 2.85
CA ARG A 252 10.31 -3.23 3.54
C ARG A 252 11.24 -2.24 2.85
N ALA A 253 11.27 -2.27 1.53
CA ALA A 253 12.11 -1.33 0.78
C ALA A 253 11.79 0.10 1.17
N PHE A 254 10.51 0.43 1.24
CA PHE A 254 10.14 1.78 1.65
C PHE A 254 10.45 2.07 3.12
N ALA A 255 9.99 1.21 4.03
CA ALA A 255 10.12 1.49 5.47
C ALA A 255 11.55 1.45 6.01
N THR A 256 12.42 0.66 5.40
CA THR A 256 13.80 0.56 5.86
C THR A 256 14.74 1.50 5.13
N ASP A 257 14.23 2.21 4.11
CA ASP A 257 15.07 3.07 3.29
C ASP A 257 15.65 4.20 4.12
N THR A 258 16.94 4.49 3.95
CA THR A 258 17.59 5.52 4.75
C THR A 258 17.12 6.95 4.42
N ASN A 259 16.41 7.11 3.31
CA ASN A 259 15.91 8.42 2.92
C ASN A 259 14.46 8.66 3.34
N ASN A 260 13.84 7.68 4.00
CA ASN A 260 12.42 7.78 4.34
C ASN A 260 12.12 8.00 5.81
N ASN A 261 13.15 8.29 6.59
CA ASN A 261 12.97 8.77 7.98
C ASN A 261 12.64 7.72 9.03
N TYR A 262 11.81 6.74 8.68
CA TYR A 262 11.39 5.71 9.65
C TYR A 262 12.57 4.82 10.04
N LYS A 263 13.37 4.46 9.04
CA LYS A 263 14.55 3.61 9.26
C LYS A 263 14.22 2.40 10.12
N LYS A 265 13.69 -1.64 11.12
CA LYS A 265 14.42 -2.87 10.91
C LYS A 265 13.51 -3.85 10.15
N GLU A 266 14.07 -4.57 9.19
CA GLU A 266 13.26 -5.40 8.32
C GLU A 266 12.45 -6.45 9.09
N GLU A 267 12.98 -6.92 10.21
CA GLU A 267 12.27 -7.94 10.99
C GLU A 267 10.97 -7.43 11.61
N LYS A 268 10.82 -6.11 11.66
CA LYS A 268 9.62 -5.49 12.24
C LYS A 268 8.59 -5.18 11.17
N VAL A 269 8.89 -5.47 9.92
CA VAL A 269 7.99 -5.14 8.80
C VAL A 269 7.48 -6.40 8.10
N LEU A 270 6.18 -6.61 8.12
CA LEU A 270 5.61 -7.83 7.57
C LEU A 270 4.57 -7.48 6.52
N GLY A 271 4.51 -8.30 5.47
CA GLY A 271 3.55 -8.08 4.40
C GLY A 271 3.27 -9.37 3.67
N LEU A 272 2.64 -9.22 2.51
CA LEU A 272 2.23 -10.33 1.69
C LEU A 272 3.46 -11.07 1.16
N ARG A 273 3.38 -12.40 1.12
CA ARG A 273 4.51 -13.21 0.70
C ARG A 273 4.25 -13.81 -0.67
N LEU A 274 5.18 -13.57 -1.59
CA LEU A 274 5.12 -14.19 -2.90
C LEU A 274 6.14 -15.31 -2.99
N LYS A 276 9.01 -17.79 -4.69
CA LYS A 276 10.15 -17.63 -5.57
C LYS A 276 10.55 -18.97 -6.15
N ASP A 277 11.15 -18.95 -7.34
CA ASP A 277 11.76 -20.14 -7.90
C ASP A 277 13.12 -20.40 -7.25
N ASP A 278 13.87 -21.36 -7.77
CA ASP A 278 15.11 -21.79 -7.15
C ASP A 278 16.22 -20.74 -7.19
N GLU A 279 16.23 -19.94 -8.25
CA GLU A 279 17.20 -18.85 -8.38
C GLU A 279 16.83 -17.66 -7.49
N GLY A 280 15.65 -17.72 -6.87
CA GLY A 280 15.17 -16.62 -6.07
C GLY A 280 14.40 -15.57 -6.87
N LYS A 281 14.04 -15.92 -8.10
CA LYS A 281 13.20 -15.03 -8.91
C LYS A 281 11.75 -15.07 -8.46
N ILE A 282 11.14 -13.90 -8.33
CA ILE A 282 9.76 -13.79 -7.85
C ILE A 282 8.74 -14.40 -8.81
N LEU A 283 7.78 -15.14 -8.25
CA LEU A 283 6.67 -15.72 -9.01
C LEU A 283 5.32 -15.08 -8.66
N PRO A 284 4.42 -14.98 -9.65
CA PRO A 284 3.10 -14.36 -9.38
C PRO A 284 2.20 -15.36 -8.68
N LYS A 285 2.53 -15.71 -7.45
CA LYS A 285 1.87 -16.78 -6.73
C LYS A 285 2.09 -16.57 -5.24
N PHE A 286 1.04 -16.70 -4.44
CA PHE A 286 1.18 -16.50 -2.99
C PHE A 286 2.02 -17.63 -2.39
N ASP A 287 2.83 -17.34 -1.38
CA ASP A 287 3.53 -18.41 -0.67
C ASP A 287 2.62 -18.90 0.45
N LYS A 288 2.07 -20.10 0.30
CA LYS A 288 1.05 -20.60 1.23
C LYS A 288 1.64 -21.02 2.57
N ASP A 289 2.95 -20.86 2.73
CA ASP A 289 3.58 -21.18 4.00
C ASP A 289 3.23 -20.11 5.04
N PHE A 290 2.77 -18.95 4.58
CA PHE A 290 2.48 -17.84 5.49
C PHE A 290 1.02 -17.41 5.39
N PRO A 291 0.50 -16.80 6.46
CA PRO A 291 -0.85 -16.22 6.37
C PRO A 291 -0.85 -15.11 5.33
N ILE A 292 -1.95 -14.94 4.60
CA ILE A 292 -2.10 -13.79 3.74
C ILE A 292 -2.48 -12.66 4.67
N SER A 293 -1.71 -11.58 4.63
CA SER A 293 -1.85 -10.47 5.57
C SER A 293 -2.90 -9.43 5.14
N ILE A 294 -4.14 -9.88 4.97
CA ILE A 294 -5.24 -8.95 4.74
C ILE A 294 -6.50 -9.34 5.51
N ARG A 295 -7.22 -8.34 5.98
CA ARG A 295 -8.41 -8.53 6.81
C ARG A 295 -8.13 -9.50 7.96
N GLU A 296 -8.94 -10.56 8.09
CA GLU A 296 -8.73 -11.51 9.18
C GLU A 296 -7.31 -12.09 9.18
N GLY A 297 -6.69 -12.13 7.99
CA GLY A 297 -5.35 -12.65 7.86
C GLY A 297 -4.29 -11.81 8.59
N LYS A 298 -4.59 -10.55 8.85
CA LYS A 298 -3.68 -9.72 9.65
C LYS A 298 -3.66 -10.22 11.10
N VAL A 299 -4.79 -10.71 11.59
CA VAL A 299 -4.85 -11.26 12.93
C VAL A 299 -4.04 -12.56 13.00
N GLN A 300 -4.17 -13.38 11.97
CA GLN A 300 -3.42 -14.64 11.88
C GLN A 300 -1.93 -14.35 11.84
N THR A 301 -1.55 -13.33 11.08
CA THR A 301 -0.16 -12.89 11.00
C THR A 301 0.39 -12.46 12.36
N ILE A 302 -0.39 -11.67 13.10
CA ILE A 302 0.03 -11.24 14.44
C ILE A 302 0.15 -12.46 15.35
N ASN A 303 -0.89 -13.30 15.33
CA ASN A 303 -0.94 -14.45 16.24
C ASN A 303 0.17 -15.47 16.03
N LYS A 304 0.60 -15.63 14.78
CA LYS A 304 1.57 -16.67 14.43
C LYS A 304 3.01 -16.16 14.25
N LEU A 305 3.16 -14.98 13.67
CA LEU A 305 4.47 -14.46 13.31
C LEU A 305 5.01 -13.38 14.26
N ILE A 306 4.14 -12.83 15.11
CA ILE A 306 4.57 -11.76 16.01
C ILE A 306 4.51 -12.18 17.48
N LYS A 307 3.35 -12.65 17.93
CA LYS A 307 3.22 -13.09 19.33
C LYS A 307 4.10 -14.27 19.65
N ASN A 308 4.72 -14.24 20.83
CA ASN A 308 5.48 -15.38 21.36
C ASN A 308 5.44 -15.34 22.88
N ASP A 309 6.22 -16.19 23.51
CA ASP A 309 6.20 -16.28 24.98
C ASP A 309 6.87 -15.09 25.70
N ARG A 310 7.55 -14.24 24.94
CA ARG A 310 8.34 -13.16 25.53
C ARG A 310 7.73 -11.80 25.26
N ASN A 311 6.51 -11.76 24.76
CA ASN A 311 5.86 -10.49 24.47
C ASN A 311 4.36 -10.52 24.72
N TYR A 312 3.74 -9.35 24.62
CA TYR A 312 2.29 -9.22 24.68
C TYR A 312 1.84 -8.01 23.89
N GLY A 313 0.61 -8.05 23.42
CA GLY A 313 0.07 -7.01 22.58
C GLY A 313 -0.89 -7.61 21.58
N PRO A 314 -1.30 -6.83 20.58
CA PRO A 314 -0.85 -5.44 20.42
C PRO A 314 -1.55 -4.47 21.38
N ILE A 315 -0.77 -3.63 22.06
CA ILE A 315 -1.34 -2.65 22.98
C ILE A 315 -1.90 -1.44 22.23
N VAL A 317 -3.06 -0.45 17.97
CA VAL A 317 -3.15 -0.84 16.56
C VAL A 317 -3.54 0.39 15.75
N GLY A 318 -2.90 0.58 14.60
CA GLY A 318 -3.26 1.69 13.73
C GLY A 318 -3.68 1.19 12.36
N GLY A 319 -4.74 1.78 11.82
CA GLY A 319 -5.23 1.35 10.52
C GLY A 319 -6.06 2.42 9.84
N ASP A 320 -6.54 2.14 8.62
CA ASP A 320 -7.20 3.19 7.86
C ASP A 320 -8.35 2.69 7.00
N SER A 321 -8.51 1.38 6.88
CA SER A 321 -9.46 0.84 5.91
C SER A 321 -10.05 -0.48 6.36
N ASP A 322 -10.95 -1.03 5.56
CA ASP A 322 -11.59 -2.31 5.89
C ASP A 322 -10.57 -3.43 6.11
N GLY A 323 -9.47 -3.38 5.38
CA GLY A 323 -8.41 -4.37 5.52
C GLY A 323 -7.83 -4.44 6.94
N ASP A 324 -8.03 -3.37 7.70
CA ASP A 324 -7.49 -3.27 9.06
C ASP A 324 -8.53 -3.52 10.14
N PHE A 325 -9.78 -3.66 9.72
CA PHE A 325 -10.89 -3.81 10.66
C PHE A 325 -10.65 -4.94 11.68
N ALA A 326 -10.26 -6.11 11.18
CA ALA A 326 -10.17 -7.29 12.04
C ALA A 326 -9.14 -7.05 13.13
N LEU A 328 -7.95 -4.20 14.17
CA LEU A 328 -8.27 -3.03 15.00
C LEU A 328 -9.19 -3.41 16.17
N LYS A 329 -10.01 -4.44 15.98
CA LYS A 329 -10.96 -4.77 17.05
C LYS A 329 -10.71 -6.09 17.74
N GLU A 330 -9.78 -6.90 17.22
CA GLU A 330 -9.62 -8.28 17.67
C GLU A 330 -9.17 -8.45 19.11
N PHE A 331 -8.21 -7.65 19.55
CA PHE A 331 -7.47 -7.96 20.75
C PHE A 331 -7.93 -7.18 22.00
N ASP A 332 -8.23 -7.90 23.07
CA ASP A 332 -8.59 -7.26 24.34
C ASP A 332 -7.41 -6.48 24.93
N HIS A 333 -6.20 -6.86 24.55
CA HIS A 333 -5.00 -6.17 25.03
C HIS A 333 -4.84 -4.79 24.41
N THR A 334 -5.60 -4.50 23.36
CA THR A 334 -5.46 -3.23 22.66
C THR A 334 -6.15 -2.10 23.41
N ASP A 335 -5.34 -1.18 23.95
CA ASP A 335 -5.86 -0.02 24.67
C ASP A 335 -6.30 1.08 23.73
N LEU A 336 -5.69 1.13 22.55
CA LEU A 336 -5.90 2.25 21.65
CA LEU A 336 -5.88 2.25 21.64
C LEU A 336 -5.94 1.76 20.21
N SER A 337 -7.09 1.97 19.55
CA SER A 337 -7.27 1.60 18.16
C SER A 337 -7.42 2.88 17.35
N LEU A 338 -6.38 3.20 16.61
CA LEU A 338 -6.26 4.49 15.93
C LEU A 338 -6.68 4.30 14.48
N ILE A 339 -7.63 5.10 14.01
CA ILE A 339 -8.11 4.97 12.65
C ILE A 339 -7.94 6.28 11.87
N ILE A 340 -7.10 6.26 10.85
CA ILE A 340 -6.93 7.46 10.04
C ILE A 340 -8.24 7.68 9.29
N HIS A 341 -8.72 8.91 9.28
CA HIS A 341 -10.05 9.18 8.76
C HIS A 341 -9.98 9.38 7.25
N ARG A 342 -10.21 8.30 6.52
CA ARG A 342 -10.24 8.36 5.05
C ARG A 342 -11.67 8.49 4.57
N ALA A 343 -11.82 8.81 3.29
CA ALA A 343 -13.15 8.94 2.71
C ALA A 343 -13.56 7.58 2.20
N ASN A 344 -13.28 6.54 2.98
CA ASN A 344 -13.69 5.21 2.63
C ASN A 344 -14.76 4.73 3.60
N SER A 345 -15.40 3.59 3.29
CA SER A 345 -16.52 3.13 4.11
C SER A 345 -16.59 1.61 4.18
N GLY A 346 -17.65 1.11 4.79
CA GLY A 346 -17.88 -0.32 4.93
C GLY A 346 -17.68 -0.82 6.35
N LEU A 347 -16.93 -1.90 6.49
CA LEU A 347 -16.66 -2.45 7.80
C LEU A 347 -16.06 -1.41 8.71
N ILE A 348 -15.15 -0.62 8.17
CA ILE A 348 -14.41 0.31 8.99
C ILE A 348 -15.33 1.39 9.57
N ASP A 349 -16.43 1.69 8.90
CA ASP A 349 -17.36 2.68 9.43
C ASP A 349 -17.97 2.26 10.76
N ASP A 350 -18.03 0.96 10.99
CA ASP A 350 -18.51 0.43 12.27
C ASP A 350 -17.64 0.97 13.40
N LEU A 351 -16.33 0.93 13.20
CA LEU A 351 -15.40 1.41 14.22
C LEU A 351 -15.37 2.94 14.30
N ARG A 352 -15.52 3.61 13.16
CA ARG A 352 -15.60 5.06 13.20
C ARG A 352 -16.83 5.53 13.97
N GLN A 353 -17.92 4.78 13.87
CA GLN A 353 -19.13 5.10 14.59
C GLN A 353 -18.89 4.99 16.09
N LYS A 354 -18.23 3.92 16.51
CA LYS A 354 -17.86 3.79 17.91
C LYS A 354 -17.06 5.01 18.35
N ALA A 355 -16.09 5.40 17.52
CA ALA A 355 -15.22 6.53 17.86
C ALA A 355 -16.00 7.84 18.01
N ARG A 356 -16.90 8.11 17.07
CA ARG A 356 -17.61 9.38 17.08
C ARG A 356 -18.71 9.38 18.11
N GLU A 357 -18.96 8.22 18.70
CA GLU A 357 -19.93 8.12 19.79
C GLU A 357 -19.26 8.07 21.16
N GLY A 358 -18.00 8.49 21.23
CA GLY A 358 -17.33 8.65 22.51
C GLY A 358 -16.50 7.47 23.02
N SER A 359 -16.16 6.54 22.14
CA SER A 359 -15.37 5.37 22.57
C SER A 359 -14.07 5.79 23.26
N LEU A 360 -13.65 5.05 24.28
CA LEU A 360 -12.34 5.25 24.91
C LEU A 360 -11.26 4.34 24.32
N ARG A 361 -11.64 3.58 23.30
CA ARG A 361 -10.68 2.73 22.59
C ARG A 361 -10.47 3.16 21.14
N TYR A 362 -11.56 3.37 20.41
CA TYR A 362 -11.46 3.72 18.99
C TYR A 362 -11.36 5.24 18.81
N TYR A 363 -10.33 5.68 18.12
CA TYR A 363 -10.16 7.11 17.87
C TYR A 363 -9.93 7.39 16.40
N SER A 364 -10.55 8.45 15.89
CA SER A 364 -10.35 8.89 14.51
C SER A 364 -9.37 10.04 14.44
N GLN A 365 -8.44 9.95 13.51
CA GLN A 365 -7.46 11.02 13.31
C GLN A 365 -7.66 11.61 11.92
N GLY A 366 -7.85 12.92 11.85
CA GLY A 366 -8.05 13.59 10.57
C GLY A 366 -6.75 13.87 9.83
N ARG A 367 -6.85 13.96 8.52
CA ARG A 367 -5.70 14.30 7.69
C ARG A 367 -6.16 15.29 6.66
N ASN A 368 -5.19 15.95 6.03
CA ASN A 368 -5.45 16.73 4.84
C ASN A 368 -4.60 16.10 3.75
N LEU A 369 -5.25 15.31 2.91
CA LEU A 369 -4.56 14.46 1.94
C LEU A 369 -3.67 15.22 0.96
N LEU A 370 -4.20 16.25 0.34
CA LEU A 370 -3.47 16.97 -0.70
C LEU A 370 -2.36 17.81 -0.10
N GLU A 371 -2.49 18.11 1.19
CA GLU A 371 -1.45 18.82 1.93
C GLU A 371 -0.49 17.83 2.59
N ALA A 372 -0.81 16.54 2.47
CA ALA A 372 0.01 15.46 2.98
C ALA A 372 0.31 15.65 4.46
N SER A 373 -0.74 15.80 5.26
CA SER A 373 -0.56 16.16 6.65
C SER A 373 -1.70 15.68 7.54
N PHE A 374 -1.39 15.42 8.81
CA PHE A 374 -2.43 15.28 9.82
C PHE A 374 -3.00 16.66 10.12
N VAL A 375 -4.24 16.69 10.59
CA VAL A 375 -4.84 17.91 11.12
C VAL A 375 -5.33 17.59 12.53
N PRO A 376 -5.24 18.56 13.44
CA PRO A 376 -5.52 18.34 14.86
C PRO A 376 -7.01 18.21 15.15
N SER A 377 -7.66 17.28 14.46
CA SER A 377 -9.09 17.07 14.57
C SER A 377 -9.42 15.61 14.29
N ASN A 378 -10.62 15.17 14.66
CA ASN A 378 -11.02 13.82 14.30
C ASN A 378 -11.61 13.77 12.90
N LYS A 379 -11.84 14.94 12.31
CA LYS A 379 -12.34 14.99 10.95
C LYS A 379 -11.29 15.47 9.94
N SER A 380 -11.28 14.85 8.77
CA SER A 380 -10.33 15.23 7.73
C SER A 380 -10.79 16.47 7.01
N GLU A 381 -9.88 17.09 6.27
CA GLU A 381 -10.14 18.39 5.68
C GLU A 381 -9.69 18.39 4.22
N GLY A 382 -10.49 18.99 3.35
CA GLY A 382 -10.19 19.04 1.93
C GLY A 382 -10.45 17.71 1.24
N TYR A 383 -10.09 17.66 -0.03
CA TYR A 383 -10.24 16.43 -0.81
C TYR A 383 -9.67 15.23 -0.06
N ASN A 384 -10.40 14.12 -0.09
CA ASN A 384 -10.00 12.93 0.63
C ASN A 384 -10.38 11.65 -0.13
N GLU A 385 -9.61 10.59 0.05
CA GLU A 385 -9.94 9.29 -0.53
C GLU A 385 -9.81 8.18 0.52
#